data_7HJF
#
_entry.id   7HJF
#
_cell.length_a   26.096
_cell.length_b   47.246
_cell.length_c   46.391
_cell.angle_alpha   90.000
_cell.angle_beta   103.040
_cell.angle_gamma   90.000
#
_symmetry.space_group_name_H-M   'P 1 21 1'
#
loop_
_entity.id
_entity.type
_entity.pdbx_description
1 polymer 'De novo designed ABLE protein'
2 non-polymer 3-(pyridin-2-yloxy)aniline
3 water water
#
_entity_poly.entity_id   1
_entity_poly.type   'polypeptide(L)'
_entity_poly.pdbx_seq_one_letter_code
;SVKSEYAEAAAVGQEAVAVFNTMKAAFQNGDKEAVAQYLARLASLYTRHEELLNRILEKARREGNKEAVTLMNEFTATFQ
TGKSIFNAMVAAFKNGDDDSFESYLQALEKVTAKGETLADQIAKAL
;
_entity_poly.pdbx_strand_id   A
#
# COMPACT_ATOMS: atom_id res chain seq x y z
N SER A 1 12.47 -0.65 19.29
CA SER A 1 11.12 -0.80 19.85
C SER A 1 10.12 -1.02 18.73
N VAL A 2 8.92 -1.44 19.10
CA VAL A 2 7.86 -1.58 18.13
C VAL A 2 7.59 -0.23 17.48
N LYS A 3 7.75 0.87 18.23
N LYS A 3 7.74 0.86 18.24
CA LYS A 3 7.48 2.18 17.68
CA LYS A 3 7.46 2.19 17.70
C LYS A 3 8.47 2.55 16.59
C LYS A 3 8.50 2.58 16.63
N SER A 4 9.76 2.28 16.83
N SER A 4 9.77 2.24 16.86
CA SER A 4 10.76 2.51 15.79
CA SER A 4 10.78 2.49 15.83
C SER A 4 10.60 1.53 14.63
C SER A 4 10.63 1.53 14.66
N GLU A 5 10.13 0.32 14.91
CA GLU A 5 9.83 -0.58 13.82
C GLU A 5 8.65 -0.05 13.00
N TYR A 6 7.68 0.60 13.63
CA TYR A 6 6.58 1.17 12.86
C TYR A 6 7.06 2.36 12.03
N ALA A 7 7.97 3.17 12.56
CA ALA A 7 8.52 4.28 11.78
C ALA A 7 9.29 3.78 10.55
N GLU A 8 10.00 2.66 10.70
CA GLU A 8 10.66 2.04 9.56
C GLU A 8 9.64 1.55 8.55
N ALA A 9 8.58 0.90 9.01
CA ALA A 9 7.50 0.49 8.13
C ALA A 9 6.84 1.69 7.47
N ALA A 10 6.67 2.79 8.21
CA ALA A 10 6.04 3.95 7.60
C ALA A 10 6.91 4.51 6.47
N ALA A 11 8.23 4.49 6.64
CA ALA A 11 9.09 5.02 5.58
C ALA A 11 9.01 4.15 4.32
N VAL A 12 8.96 2.82 4.50
CA VAL A 12 8.79 1.92 3.37
C VAL A 12 7.46 2.20 2.68
N GLY A 13 6.40 2.46 3.45
CA GLY A 13 5.15 2.85 2.82
C GLY A 13 5.27 4.14 2.01
N GLN A 14 5.98 5.14 2.54
CA GLN A 14 6.19 6.38 1.79
C GLN A 14 7.02 6.17 0.54
N GLU A 15 7.95 5.21 0.55
CA GLU A 15 8.69 4.91 -0.67
C GLU A 15 7.75 4.39 -1.75
N ALA A 16 6.80 3.54 -1.37
CA ALA A 16 5.83 3.05 -2.34
C ALA A 16 4.96 4.18 -2.85
N VAL A 17 4.60 5.13 -2.00
N VAL A 17 4.62 5.14 -2.00
CA VAL A 17 3.84 6.29 -2.47
CA VAL A 17 3.83 6.29 -2.46
C VAL A 17 4.65 7.03 -3.53
C VAL A 17 4.62 7.08 -3.49
N ALA A 18 5.94 7.22 -3.27
N ALA A 18 5.91 7.29 -3.24
CA ALA A 18 6.78 7.92 -4.24
CA ALA A 18 6.71 8.08 -4.17
C ALA A 18 6.86 7.15 -5.56
C ALA A 18 6.88 7.38 -5.51
N VAL A 19 7.15 5.86 -5.49
N VAL A 19 7.17 6.08 -5.48
CA VAL A 19 7.27 5.09 -6.73
CA VAL A 19 7.35 5.34 -6.73
C VAL A 19 5.93 4.98 -7.42
C VAL A 19 6.04 5.27 -7.49
N PHE A 20 4.83 5.00 -6.65
N PHE A 20 4.95 5.01 -6.76
CA PHE A 20 3.49 4.94 -7.26
CA PHE A 20 3.62 4.94 -7.37
C PHE A 20 3.20 6.19 -8.08
C PHE A 20 3.31 6.19 -8.19
N ASN A 21 3.45 7.37 -7.52
N ASN A 21 3.71 7.36 -7.70
CA ASN A 21 3.16 8.59 -8.26
CA ASN A 21 3.39 8.58 -8.42
C ASN A 21 4.02 8.69 -9.51
C ASN A 21 4.30 8.78 -9.63
N THR A 22 5.27 8.28 -9.42
N THR A 22 5.54 8.29 -9.62
CA THR A 22 6.12 8.25 -10.61
CA THR A 22 6.30 8.27 -10.86
C THR A 22 5.54 7.31 -11.65
C THR A 22 5.81 7.18 -11.80
N MET A 23 5.19 6.10 -11.24
N MET A 23 5.18 6.13 -11.27
CA MET A 23 4.59 5.14 -12.15
CA MET A 23 4.57 5.12 -12.13
C MET A 23 3.35 5.74 -12.84
C MET A 23 3.32 5.66 -12.80
N LYS A 24 2.50 6.43 -12.07
CA LYS A 24 1.30 7.02 -12.65
C LYS A 24 1.67 8.01 -13.74
N ALA A 25 2.69 8.84 -13.52
CA ALA A 25 3.14 9.75 -14.58
C ALA A 25 3.60 8.97 -15.81
N ALA A 26 4.35 7.90 -15.60
CA ALA A 26 4.83 7.07 -16.70
C ALA A 26 3.67 6.44 -17.47
N PHE A 27 2.68 5.89 -16.77
CA PHE A 27 1.50 5.34 -17.43
C PHE A 27 0.82 6.39 -18.29
N GLN A 28 0.58 7.58 -17.72
CA GLN A 28 -0.12 8.58 -18.50
C GLN A 28 0.68 8.94 -19.75
N ASN A 29 2.01 8.98 -19.65
CA ASN A 29 2.85 9.27 -20.81
C ASN A 29 3.01 8.10 -21.77
N GLY A 30 2.53 6.92 -21.41
CA GLY A 30 2.63 5.77 -22.29
C GLY A 30 3.98 5.10 -22.32
N ASP A 31 4.83 5.35 -21.31
CA ASP A 31 6.16 4.75 -21.21
C ASP A 31 5.99 3.41 -20.49
N LYS A 32 5.55 2.40 -21.24
N LYS A 32 5.53 2.40 -21.25
CA LYS A 32 5.19 1.13 -20.63
CA LYS A 32 5.19 1.13 -20.64
C LYS A 32 6.41 0.38 -20.13
C LYS A 32 6.42 0.41 -20.11
N GLU A 33 7.59 0.63 -20.71
CA GLU A 33 8.79 0.00 -20.19
C GLU A 33 9.11 0.49 -18.78
N ALA A 34 8.89 1.79 -18.55
CA ALA A 34 9.07 2.32 -17.21
C ALA A 34 8.03 1.73 -16.27
N VAL A 35 6.77 1.73 -16.72
CA VAL A 35 5.70 1.23 -15.84
C VAL A 35 6.00 -0.18 -15.39
N ALA A 36 6.44 -1.05 -16.31
CA ALA A 36 6.71 -2.43 -15.93
C ALA A 36 7.75 -2.50 -14.81
N GLN A 37 8.81 -1.71 -14.92
N GLN A 37 8.81 -1.70 -14.92
CA GLN A 37 9.84 -1.73 -13.89
CA GLN A 37 9.84 -1.73 -13.89
C GLN A 37 9.30 -1.18 -12.58
C GLN A 37 9.34 -1.16 -12.57
N TYR A 38 8.56 -0.07 -12.63
CA TYR A 38 8.00 0.48 -11.40
C TYR A 38 7.04 -0.49 -10.74
N LEU A 39 6.25 -1.21 -11.53
CA LEU A 39 5.33 -2.19 -10.93
C LEU A 39 6.09 -3.31 -10.21
N ALA A 40 7.19 -3.78 -10.78
CA ALA A 40 8.03 -4.73 -10.07
C ALA A 40 8.57 -4.13 -8.78
N ARG A 41 9.00 -2.88 -8.83
CA ARG A 41 9.56 -2.23 -7.64
C ARG A 41 8.49 -2.09 -6.57
N LEU A 42 7.28 -1.67 -6.97
CA LEU A 42 6.16 -1.56 -6.03
C LEU A 42 5.81 -2.92 -5.42
N ALA A 43 5.86 -4.00 -6.21
N ALA A 43 5.81 -3.99 -6.22
CA ALA A 43 5.49 -5.30 -5.65
CA ALA A 43 5.51 -5.29 -5.64
C ALA A 43 6.42 -5.68 -4.52
C ALA A 43 6.49 -5.62 -4.54
N SER A 44 7.72 -5.55 -4.75
N SER A 44 7.74 -5.21 -4.70
CA SER A 44 8.68 -5.86 -3.69
CA SER A 44 8.73 -5.43 -3.66
C SER A 44 8.46 -4.96 -2.48
C SER A 44 8.47 -4.56 -2.44
N LEU A 45 8.18 -3.67 -2.72
N LEU A 45 8.14 -3.29 -2.65
CA LEU A 45 7.94 -2.76 -1.61
CA LEU A 45 7.90 -2.38 -1.54
C LEU A 45 6.71 -3.16 -0.80
C LEU A 45 6.63 -2.73 -0.79
N TYR A 46 5.62 -3.53 -1.46
N TYR A 46 5.59 -3.15 -1.51
CA TYR A 46 4.45 -3.96 -0.70
CA TYR A 46 4.35 -3.52 -0.85
C TYR A 46 4.70 -5.25 0.04
C TYR A 46 4.50 -4.83 -0.10
N THR A 47 5.42 -6.19 -0.57
N THR A 47 5.21 -5.79 -0.68
CA THR A 47 5.80 -7.40 0.15
CA THR A 47 5.48 -7.04 0.04
C THR A 47 6.54 -7.06 1.44
C THR A 47 6.30 -6.80 1.30
N ARG A 48 7.50 -6.16 1.35
N ARG A 48 7.30 -5.92 1.21
CA ARG A 48 8.26 -5.74 2.54
CA ARG A 48 8.14 -5.61 2.37
C ARG A 48 7.35 -5.06 3.56
C ARG A 48 7.32 -4.93 3.45
N HIS A 49 6.59 -4.06 3.12
N HIS A 49 6.48 -3.97 3.08
CA HIS A 49 5.69 -3.35 4.03
CA HIS A 49 5.63 -3.30 4.07
C HIS A 49 4.76 -4.34 4.74
C HIS A 49 4.70 -4.31 4.75
N GLU A 50 4.13 -5.23 3.98
CA GLU A 50 3.19 -6.20 4.55
C GLU A 50 3.86 -7.03 5.63
N GLU A 51 5.11 -7.43 5.40
CA GLU A 51 5.83 -8.25 6.38
C GLU A 51 6.12 -7.45 7.65
N LEU A 52 6.58 -6.21 7.51
CA LEU A 52 6.82 -5.35 8.65
C LEU A 52 5.55 -5.13 9.45
N LEU A 53 4.44 -4.92 8.78
CA LEU A 53 3.18 -4.70 9.48
C LEU A 53 2.78 -5.94 10.26
N ASN A 54 3.04 -7.12 9.71
CA ASN A 54 2.60 -8.33 10.39
C ASN A 54 3.44 -8.51 11.64
N ARG A 55 4.72 -8.24 11.52
CA ARG A 55 5.60 -8.34 12.68
C ARG A 55 5.20 -7.35 13.77
N ILE A 56 4.78 -6.16 13.38
CA ILE A 56 4.36 -5.16 14.33
C ILE A 56 3.09 -5.59 15.03
N LEU A 57 2.12 -6.12 14.28
CA LEU A 57 0.89 -6.60 14.88
C LEU A 57 1.16 -7.75 15.83
N GLU A 58 1.97 -8.71 15.39
CA GLU A 58 2.30 -9.83 16.27
C GLU A 58 2.96 -9.36 17.56
N LYS A 59 3.80 -8.34 17.49
CA LYS A 59 4.48 -7.85 18.68
C LYS A 59 3.51 -7.13 19.61
N ALA A 60 2.68 -6.25 19.05
CA ALA A 60 1.61 -5.64 19.82
C ALA A 60 0.75 -6.68 20.52
N ARG A 61 0.45 -7.80 19.86
CA ARG A 61 -0.33 -8.87 20.50
C ARG A 61 0.44 -9.48 21.66
N ARG A 62 1.73 -9.74 21.46
CA ARG A 62 2.54 -10.33 22.53
C ARG A 62 2.68 -9.40 23.72
N GLU A 63 2.63 -8.09 23.46
CA GLU A 63 2.75 -7.06 24.48
C GLU A 63 1.44 -6.78 25.18
N GLY A 64 0.35 -7.38 24.72
CA GLY A 64 -0.96 -7.11 25.28
C GLY A 64 -1.47 -5.70 25.05
N ASN A 65 -1.07 -5.07 23.95
CA ASN A 65 -1.42 -3.68 23.70
C ASN A 65 -2.74 -3.68 22.92
N LYS A 66 -3.83 -3.83 23.67
CA LYS A 66 -5.13 -4.09 23.03
C LYS A 66 -5.48 -3.01 22.02
N GLU A 67 -5.32 -1.74 22.39
CA GLU A 67 -5.73 -0.72 21.41
C GLU A 67 -4.88 -0.81 20.16
N ALA A 68 -3.57 -1.00 20.30
CA ALA A 68 -2.74 -1.08 19.09
C ALA A 68 -3.12 -2.30 18.26
N VAL A 69 -3.45 -3.41 18.91
CA VAL A 69 -3.89 -4.60 18.17
C VAL A 69 -5.16 -4.31 17.38
N THR A 70 -6.15 -3.67 18.02
CA THR A 70 -7.41 -3.34 17.32
C THR A 70 -7.12 -2.51 16.08
N LEU A 71 -6.33 -1.46 16.24
CA LEU A 71 -6.04 -0.55 15.14
C LEU A 71 -5.26 -1.26 14.05
N MET A 72 -4.27 -2.07 14.43
CA MET A 72 -3.48 -2.80 13.44
C MET A 72 -4.31 -3.88 12.72
N ASN A 73 -5.24 -4.55 13.42
N ASN A 73 -5.28 -4.51 13.40
CA ASN A 73 -6.17 -5.44 12.71
CA ASN A 73 -6.16 -5.46 12.72
C ASN A 73 -7.00 -4.67 11.69
C ASN A 73 -6.95 -4.79 11.62
N GLU A 74 -7.47 -3.47 12.04
N GLU A 74 -7.53 -3.62 11.91
CA GLU A 74 -8.24 -2.68 11.08
CA GLU A 74 -8.20 -2.87 10.86
C GLU A 74 -7.35 -2.23 9.93
C GLU A 74 -7.21 -2.50 9.77
N PHE A 75 -6.11 -1.86 10.22
N PHE A 75 -6.03 -2.01 10.17
CA PHE A 75 -5.24 -1.31 9.18
CA PHE A 75 -5.06 -1.50 9.21
C PHE A 75 -4.74 -2.40 8.24
C PHE A 75 -4.56 -2.60 8.27
N THR A 76 -4.37 -3.56 8.79
N THR A 76 -4.29 -3.79 8.81
CA THR A 76 -3.91 -4.65 7.94
CA THR A 76 -3.87 -4.89 7.95
C THR A 76 -5.02 -5.11 7.00
C THR A 76 -5.02 -5.40 7.07
N ALA A 77 -6.26 -5.18 7.50
CA ALA A 77 -7.38 -5.52 6.63
C ALA A 77 -7.43 -4.58 5.43
N THR A 78 -7.35 -3.27 5.69
N THR A 78 -7.34 -3.27 5.68
CA THR A 78 -7.41 -2.29 4.61
CA THR A 78 -7.31 -2.31 4.58
C THR A 78 -6.17 -2.39 3.73
C THR A 78 -6.14 -2.59 3.65
N PHE A 79 -5.02 -2.78 4.30
N PHE A 79 -4.99 -2.96 4.22
CA PHE A 79 -3.85 -3.04 3.46
CA PHE A 79 -3.82 -3.23 3.39
C PHE A 79 -4.16 -4.10 2.40
C PHE A 79 -4.06 -4.42 2.46
N GLN A 80 -4.79 -5.20 2.81
N GLN A 80 -4.90 -5.38 2.87
CA GLN A 80 -5.16 -6.23 1.84
CA GLN A 80 -5.19 -6.53 2.01
C GLN A 80 -6.12 -5.69 0.77
C GLN A 80 -6.09 -6.15 0.84
N THR A 81 -6.99 -4.74 1.15
N THR A 81 -6.95 -5.15 1.02
CA THR A 81 -7.83 -4.10 0.14
CA THR A 81 -7.76 -4.64 -0.07
C THR A 81 -6.98 -3.38 -0.87
C THR A 81 -6.89 -3.97 -1.12
N GLY A 82 -5.97 -2.64 -0.40
N GLY A 82 -5.97 -3.12 -0.68
CA GLY A 82 -5.05 -2.00 -1.32
CA GLY A 82 -5.00 -2.54 -1.60
C GLY A 82 -4.27 -3.00 -2.16
C GLY A 82 -4.23 -3.62 -2.34
N LYS A 83 -3.85 -4.10 -1.55
N LYS A 83 -3.80 -4.65 -1.64
CA LYS A 83 -3.02 -5.08 -2.25
CA LYS A 83 -3.10 -5.76 -2.27
C LYS A 83 -3.80 -5.78 -3.36
C LYS A 83 -3.95 -6.40 -3.36
N SER A 84 -5.03 -6.20 -3.08
N SER A 84 -5.23 -6.65 -3.08
CA SER A 84 -5.83 -6.83 -4.13
CA SER A 84 -6.09 -7.28 -4.07
C SER A 84 -6.08 -5.87 -5.28
C SER A 84 -6.25 -6.39 -5.30
N ILE A 85 -6.25 -4.58 -5.00
N ILE A 85 -6.54 -5.11 -5.08
CA ILE A 85 -6.44 -3.62 -6.08
CA ILE A 85 -6.68 -4.20 -6.21
C ILE A 85 -5.14 -3.45 -6.87
C ILE A 85 -5.36 -4.03 -6.93
N PHE A 86 -4.00 -3.45 -6.18
N PHE A 86 -4.25 -3.94 -6.17
CA PHE A 86 -2.72 -3.38 -6.89
CA PHE A 86 -2.95 -3.80 -6.80
C PHE A 86 -2.55 -4.56 -7.83
C PHE A 86 -2.67 -4.98 -7.73
N ASN A 87 -2.85 -5.76 -7.32
N ASN A 87 -2.90 -6.19 -7.27
CA ASN A 87 -2.61 -6.95 -8.13
CA ASN A 87 -2.71 -7.34 -8.13
C ASN A 87 -3.50 -6.96 -9.37
C ASN A 87 -3.62 -7.25 -9.34
N ALA A 88 -4.78 -6.60 -9.22
CA ALA A 88 -5.65 -6.46 -10.41
C ALA A 88 -5.12 -5.39 -11.37
N MET A 89 -4.54 -4.33 -10.84
CA MET A 89 -3.90 -3.35 -11.70
C MET A 89 -2.77 -3.97 -12.49
N VAL A 90 -1.93 -4.78 -11.83
CA VAL A 90 -0.81 -5.43 -12.51
C VAL A 90 -1.33 -6.34 -13.62
N ALA A 91 -2.43 -7.04 -13.36
CA ALA A 91 -3.03 -7.91 -14.36
C ALA A 91 -3.58 -7.09 -15.53
N ALA A 92 -4.20 -5.94 -15.23
CA ALA A 92 -4.69 -5.07 -16.30
C ALA A 92 -3.55 -4.60 -17.18
N PHE A 93 -2.39 -4.35 -16.58
CA PHE A 93 -1.23 -3.95 -17.36
C PHE A 93 -0.74 -5.07 -18.27
N LYS A 94 -0.63 -6.28 -17.73
N LYS A 94 -0.64 -6.28 -17.72
CA LYS A 94 -0.22 -7.44 -18.51
CA LYS A 94 -0.27 -7.44 -18.53
C LYS A 94 -1.17 -7.67 -19.68
C LYS A 94 -1.22 -7.63 -19.68
N ASN A 95 -2.46 -7.42 -19.48
N ASN A 95 -2.53 -7.41 -19.45
CA ASN A 95 -3.48 -7.65 -20.49
CA ASN A 95 -3.57 -7.62 -20.46
C ASN A 95 -3.64 -6.50 -21.48
C ASN A 95 -3.69 -6.47 -21.45
N GLY A 96 -2.96 -5.38 -21.26
CA GLY A 96 -3.11 -4.21 -22.11
C GLY A 96 -4.44 -3.51 -21.95
N ASP A 97 -5.08 -3.62 -20.79
CA ASP A 97 -6.39 -3.05 -20.54
C ASP A 97 -6.21 -1.73 -19.80
N ASP A 98 -5.99 -0.67 -20.56
CA ASP A 98 -5.72 0.62 -19.94
C ASP A 98 -6.94 1.16 -19.21
N ASP A 99 -8.16 0.84 -19.67
CA ASP A 99 -9.34 1.32 -18.96
C ASP A 99 -9.39 0.72 -17.55
N SER A 100 -9.13 -0.56 -17.43
CA SER A 100 -9.09 -1.14 -16.09
C SER A 100 -7.92 -0.57 -15.29
N PHE A 101 -6.76 -0.43 -15.91
CA PHE A 101 -5.62 0.10 -15.18
C PHE A 101 -5.94 1.45 -14.56
N GLU A 102 -6.60 2.33 -15.30
CA GLU A 102 -6.97 3.64 -14.79
C GLU A 102 -7.91 3.52 -13.60
N SER A 103 -8.94 2.67 -13.73
CA SER A 103 -9.90 2.45 -12.66
C SER A 103 -9.18 1.99 -11.40
N TYR A 104 -8.39 0.93 -11.52
N TYR A 104 -8.54 0.82 -11.49
CA TYR A 104 -7.64 0.41 -10.38
CA TYR A 104 -7.88 0.24 -10.33
C TYR A 104 -6.70 1.47 -9.80
C TYR A 104 -6.86 1.19 -9.72
N LEU A 105 -6.09 2.29 -10.64
N LEU A 105 -6.16 1.97 -10.55
CA LEU A 105 -5.12 3.27 -10.15
CA LEU A 105 -5.23 2.95 -10.01
C LEU A 105 -5.80 4.28 -9.22
C LEU A 105 -5.97 4.01 -9.22
N GLN A 106 -6.94 4.82 -9.65
N GLN A 106 -7.15 4.42 -9.69
CA GLN A 106 -7.67 5.80 -8.84
CA GLN A 106 -7.95 5.40 -8.97
C GLN A 106 -8.22 5.17 -7.56
C GLN A 106 -8.51 4.83 -7.67
N ALA A 107 -8.68 3.92 -7.65
N ALA A 107 -8.94 3.56 -7.70
CA ALA A 107 -9.21 3.26 -6.45
CA ALA A 107 -9.45 2.95 -6.48
C ALA A 107 -8.09 3.07 -5.43
C ALA A 107 -8.35 2.77 -5.45
N LEU A 108 -6.94 2.56 -5.88
N LEU A 108 -7.13 2.44 -5.90
CA LEU A 108 -5.82 2.36 -4.98
CA LEU A 108 -6.01 2.31 -4.96
C LEU A 108 -5.38 3.66 -4.33
C LEU A 108 -5.77 3.61 -4.22
N GLU A 109 -5.56 4.80 -5.02
N GLU A 109 -5.76 4.73 -4.93
CA GLU A 109 -5.27 6.09 -4.42
CA GLU A 109 -5.49 6.02 -4.31
C GLU A 109 -6.28 6.42 -3.32
C GLU A 109 -6.51 6.34 -3.22
N LYS A 110 -7.57 6.15 -3.55
N LYS A 110 -7.79 6.00 -3.46
CA LYS A 110 -8.59 6.49 -2.56
CA LYS A 110 -8.81 6.27 -2.45
C LYS A 110 -8.54 5.56 -1.36
C LYS A 110 -8.66 5.31 -1.27
N VAL A 111 -8.27 4.28 -1.59
N VAL A 111 -8.38 4.03 -1.55
CA VAL A 111 -8.08 3.35 -0.48
CA VAL A 111 -8.13 3.08 -0.48
C VAL A 111 -6.89 3.80 0.38
C VAL A 111 -6.93 3.52 0.35
N THR A 112 -5.83 4.27 -0.26
N THR A 112 -5.88 3.98 -0.32
CA THR A 112 -4.64 4.68 0.47
CA THR A 112 -4.64 4.30 0.37
C THR A 112 -4.91 5.95 1.27
C THR A 112 -4.75 5.60 1.16
N ALA A 113 -5.51 6.95 0.63
N ALA A 113 -5.41 6.60 0.60
CA ALA A 113 -5.79 8.19 1.34
CA ALA A 113 -5.57 7.86 1.32
C ALA A 113 -6.71 7.93 2.54
C ALA A 113 -6.48 7.69 2.52
N LYS A 114 -7.75 7.12 2.35
N LYS A 114 -7.55 6.90 2.39
CA LYS A 114 -8.67 6.82 3.44
CA LYS A 114 -8.50 6.72 3.49
C LYS A 114 -7.92 6.23 4.63
C LYS A 114 -7.80 6.13 4.71
N GLY A 115 -6.97 5.34 4.38
N GLY A 115 -6.86 5.23 4.49
CA GLY A 115 -6.30 4.62 5.45
CA GLY A 115 -6.20 4.55 5.59
C GLY A 115 -5.19 5.39 6.13
C GLY A 115 -5.20 5.39 6.34
N GLU A 116 -5.13 6.71 5.94
N GLU A 116 -5.08 6.67 5.99
CA GLU A 116 -4.04 7.48 6.52
CA GLU A 116 -4.01 7.48 6.53
C GLU A 116 -4.31 7.96 7.93
C GLU A 116 -4.31 7.98 7.95
N THR A 117 -5.56 8.32 8.24
CA THR A 117 -5.86 8.71 9.62
C THR A 117 -5.60 7.54 10.55
N LEU A 118 -5.94 6.32 10.13
N LEU A 118 -5.94 6.32 10.13
CA LEU A 118 -5.64 5.14 10.92
CA LEU A 118 -5.65 5.13 10.92
C LEU A 118 -4.13 4.96 11.09
C LEU A 118 -4.14 4.95 11.09
N ALA A 119 -3.36 5.16 10.01
N ALA A 119 -3.39 5.09 9.99
CA ALA A 119 -1.92 4.99 10.08
CA ALA A 119 -1.94 4.94 10.07
C ALA A 119 -1.30 5.92 11.12
C ALA A 119 -1.34 5.91 11.08
N ASP A 120 -1.79 7.15 11.19
N ASP A 120 -1.86 7.13 11.14
CA ASP A 120 -1.28 8.07 12.20
CA ASP A 120 -1.37 8.08 12.13
C ASP A 120 -1.71 7.65 13.60
C ASP A 120 -1.78 7.68 13.54
N GLN A 121 -2.93 7.11 13.74
N GLN A 121 -2.97 7.08 13.71
CA GLN A 121 -3.39 6.66 15.05
CA GLN A 121 -3.40 6.65 15.03
C GLN A 121 -2.54 5.51 15.58
C GLN A 121 -2.51 5.53 15.57
N ILE A 122 -2.03 4.66 14.69
CA ILE A 122 -1.22 3.53 15.14
C ILE A 122 0.11 4.02 15.68
N ALA A 123 0.74 4.95 14.98
CA ALA A 123 1.99 5.51 15.47
C ALA A 123 1.85 5.93 16.93
N LYS A 124 0.73 6.57 17.27
CA LYS A 124 0.56 7.09 18.61
C LYS A 124 0.24 6.00 19.61
N ALA A 125 -0.33 4.89 19.15
CA ALA A 125 -0.81 3.86 20.06
C ALA A 125 0.27 2.87 20.49
N LEU A 126 1.32 2.70 19.70
CA LEU A 126 2.28 1.62 19.95
C LEU A 126 3.15 1.88 21.16
#